data_6ASQ
#
_entry.id   6ASQ
#
_cell.length_a   65.431
_cell.length_b   84.717
_cell.length_c   95.759
_cell.angle_alpha   90.00
_cell.angle_beta   90.00
_cell.angle_gamma   90.00
#
_symmetry.space_group_name_H-M   'P 21 21 21'
#
loop_
_entity.id
_entity.type
_entity.pdbx_description
1 polymer Endoplasmin
2 non-polymer 3,6,9,12,15,18,21-HEPTAOXATRICOSANE-1,23-DIOL
3 non-polymer DI(HYDROXYETHYL)ETHER
4 non-polymer GLYCEROL
5 non-polymer 'methyl 2-[2-(2-benzylpyridin-3-yl)ethyl]-3-chloro-4,6-dihydroxybenzoate'
6 water water
#
_entity_poly.entity_id   1
_entity_poly.type   'polypeptide(L)'
_entity_poly.pdbx_seq_one_letter_code
;SLREKSEKFAFQAEVNRMMKLIINSLYKNKEIFLRELISNASDALDKIRLISLTDENALAGNEELTVKIKCDKEKNLLHV
TDTGVGMTREELVKNLGTIAKSGTSEFLNKMTEAQEDGQSTSELIGQFGVGFYSAFLVADKVIVTSKHNNDTQHIWESDS
NEFSVIADPRGNTLGRGTTITLVLKEEASDYLELDTIKNLVKKYSQFINFPIYVWSSKTGGGGKTVWDWELMN
;
_entity_poly.pdbx_strand_id   A,B
#
# COMPACT_ATOMS: atom_id res chain seq x y z
N GLU A 7 -12.27 5.91 -10.85
CA GLU A 7 -11.94 6.63 -9.62
C GLU A 7 -13.17 7.10 -8.87
N LYS A 8 -14.33 7.02 -9.52
CA LYS A 8 -15.58 7.45 -8.90
C LYS A 8 -16.27 6.29 -8.21
N PHE A 9 -16.95 6.58 -7.11
CA PHE A 9 -17.66 5.55 -6.36
C PHE A 9 -18.98 6.09 -5.84
N ALA A 10 -19.91 5.17 -5.64
CA ALA A 10 -21.18 5.47 -4.98
C ALA A 10 -21.13 4.98 -3.55
N PHE A 11 -21.83 5.68 -2.67
CA PHE A 11 -21.93 5.24 -1.28
C PHE A 11 -22.82 4.02 -1.17
N GLN A 12 -22.47 3.14 -0.23
CA GLN A 12 -23.37 2.06 0.17
C GLN A 12 -24.67 2.64 0.69
N ALA A 13 -25.77 1.94 0.44
CA ALA A 13 -27.09 2.44 0.79
C ALA A 13 -27.20 2.76 2.27
N GLU A 14 -26.64 1.90 3.13
CA GLU A 14 -26.71 2.13 4.57
C GLU A 14 -25.98 3.40 4.97
N VAL A 15 -24.89 3.75 4.27
CA VAL A 15 -24.19 4.98 4.57
C VAL A 15 -25.02 6.20 4.17
N ASN A 16 -25.72 6.12 3.03
CA ASN A 16 -26.62 7.19 2.64
C ASN A 16 -27.68 7.44 3.71
N ARG A 17 -28.32 6.37 4.20
CA ARG A 17 -29.34 6.52 5.23
C ARG A 17 -28.76 7.12 6.50
N MET A 18 -27.55 6.71 6.89
CA MET A 18 -26.98 7.24 8.13
C MET A 18 -26.57 8.69 7.98
N MET A 19 -26.06 9.08 6.81
CA MET A 19 -25.73 10.48 6.60
C MET A 19 -26.97 11.35 6.79
N LYS A 20 -28.12 10.88 6.30
CA LYS A 20 -29.35 11.63 6.51
C LYS A 20 -29.78 11.60 7.98
N LEU A 21 -29.63 10.45 8.65
CA LEU A 21 -30.01 10.35 10.06
C LEU A 21 -29.18 11.30 10.92
N ILE A 22 -27.85 11.27 10.77
CA ILE A 22 -26.99 12.14 11.55
C ILE A 22 -27.33 13.60 11.28
N ILE A 23 -27.43 13.97 10.01
CA ILE A 23 -27.77 15.34 9.62
C ILE A 23 -29.06 15.79 10.29
N ASN A 24 -30.13 15.00 10.15
CA ASN A 24 -31.45 15.45 10.59
C ASN A 24 -31.55 15.49 12.11
N SER A 25 -30.85 14.61 12.82
CA SER A 25 -30.99 14.54 14.28
C SER A 25 -30.06 15.50 15.01
N LEU A 26 -29.00 15.99 14.37
CA LEU A 26 -28.05 16.91 15.01
C LEU A 26 -28.10 18.31 14.40
N TYR A 27 -29.23 18.68 13.81
CA TYR A 27 -29.39 20.01 13.25
C TYR A 27 -29.25 21.10 14.31
N LYS A 28 -29.57 20.79 15.57
CA LYS A 28 -29.45 21.75 16.66
C LYS A 28 -28.03 21.91 17.16
N ASN A 29 -27.26 20.83 17.21
CA ASN A 29 -25.94 20.84 17.84
C ASN A 29 -24.86 20.57 16.79
N LYS A 30 -24.72 21.49 15.83
CA LYS A 30 -23.78 21.29 14.74
C LYS A 30 -22.33 21.24 15.21
N GLU A 31 -22.01 21.96 16.29
CA GLU A 31 -20.63 22.06 16.76
C GLU A 31 -20.03 20.71 17.17
N ILE A 32 -20.84 19.66 17.32
CA ILE A 32 -20.31 18.35 17.68
C ILE A 32 -19.37 17.80 16.61
N PHE A 33 -19.46 18.29 15.37
CA PHE A 33 -18.59 17.79 14.31
C PHE A 33 -17.13 17.92 14.71
N LEU A 34 -16.77 19.02 15.37
CA LEU A 34 -15.40 19.21 15.81
C LEU A 34 -15.02 18.19 16.88
N ARG A 35 -15.96 17.80 17.74
CA ARG A 35 -15.67 16.77 18.74
C ARG A 35 -15.36 15.43 18.08
N GLU A 36 -16.15 15.07 17.07
CA GLU A 36 -15.97 13.78 16.42
C GLU A 36 -14.67 13.73 15.62
N LEU A 37 -14.32 14.82 14.95
CA LEU A 37 -13.06 14.85 14.21
C LEU A 37 -11.87 14.76 15.15
N ILE A 38 -11.94 15.45 16.29
CA ILE A 38 -10.89 15.33 17.29
C ILE A 38 -10.86 13.91 17.86
N SER A 39 -12.03 13.32 18.10
CA SER A 39 -12.10 11.97 18.65
C SER A 39 -11.53 10.95 17.66
N ASN A 40 -11.86 11.09 16.37
CA ASN A 40 -11.31 10.20 15.36
C ASN A 40 -9.79 10.37 15.25
N ALA A 41 -9.31 11.61 15.35
CA ALA A 41 -7.87 11.85 15.30
C ALA A 41 -7.15 11.15 16.44
N SER A 42 -7.72 11.19 17.65
CA SER A 42 -7.11 10.53 18.79
C SER A 42 -7.07 9.02 18.60
N ASP A 43 -8.15 8.44 18.09
CA ASP A 43 -8.18 7.00 17.88
C ASP A 43 -7.19 6.57 16.81
N ALA A 44 -6.95 7.41 15.80
CA ALA A 44 -5.95 7.09 14.80
C ALA A 44 -4.54 7.15 15.40
N LEU A 45 -4.31 8.11 16.29
CA LEU A 45 -3.02 8.19 16.97
C LEU A 45 -2.81 7.01 17.90
N ASP A 46 -3.87 6.55 18.57
CA ASP A 46 -3.77 5.35 19.40
C ASP A 46 -3.30 4.15 18.59
N LYS A 47 -3.82 4.00 17.37
CA LYS A 47 -3.54 2.82 16.57
C LYS A 47 -2.08 2.76 16.15
N ILE A 48 -1.52 3.89 15.71
CA ILE A 48 -0.10 3.88 15.32
C ILE A 48 0.80 3.74 16.54
N ARG A 49 0.34 4.21 17.70
CA ARG A 49 1.08 4.00 18.94
C ARG A 49 1.12 2.53 19.32
N LEU A 50 -0.02 1.86 19.20
CA LEU A 50 -0.06 0.41 19.41
C LEU A 50 0.85 -0.31 18.43
N ILE A 51 0.80 0.08 17.16
CA ILE A 51 1.63 -0.56 16.14
C ILE A 51 3.11 -0.34 16.46
N SER A 52 3.46 0.84 16.99
CA SER A 52 4.85 1.13 17.30
C SER A 52 5.38 0.30 18.45
N LEU A 53 4.50 -0.32 19.25
CA LEU A 53 4.97 -1.22 20.30
C LEU A 53 5.68 -2.44 19.71
N THR A 54 5.18 -2.96 18.59
CA THR A 54 5.74 -4.15 17.97
C THR A 54 6.59 -3.86 16.75
N ASP A 55 6.48 -2.67 16.16
CA ASP A 55 7.17 -2.34 14.92
C ASP A 55 8.09 -1.16 15.21
N GLU A 56 9.40 -1.43 15.21
CA GLU A 56 10.40 -0.40 15.46
C GLU A 56 10.38 0.72 14.42
N ASN A 57 9.87 0.45 13.22
CA ASN A 57 9.88 1.41 12.12
C ASN A 57 8.56 2.15 11.95
N ALA A 58 7.60 1.94 12.86
CA ALA A 58 6.24 2.44 12.65
C ALA A 58 6.21 3.95 12.49
N LEU A 59 7.02 4.67 13.25
CA LEU A 59 6.99 6.14 13.25
C LEU A 59 8.19 6.73 12.52
N ALA A 60 8.54 6.16 11.38
CA ALA A 60 9.65 6.67 10.57
C ALA A 60 9.20 7.75 9.59
N GLY A 61 7.97 7.65 9.08
CA GLY A 61 7.44 8.68 8.19
C GLY A 61 7.13 9.99 8.89
N ASN A 62 7.00 9.98 10.21
CA ASN A 62 6.65 11.15 11.00
C ASN A 62 6.77 10.82 12.48
N GLU A 63 7.67 11.51 13.19
CA GLU A 63 7.99 11.10 14.56
C GLU A 63 6.97 11.60 15.58
N GLU A 64 6.41 12.80 15.37
CA GLU A 64 5.48 13.37 16.33
C GLU A 64 4.11 12.70 16.27
N LEU A 65 3.42 12.70 17.40
CA LEU A 65 2.05 12.19 17.56
C LEU A 65 1.17 13.36 18.01
N THR A 66 0.63 14.12 17.06
CA THR A 66 -0.07 15.36 17.36
C THR A 66 -1.36 15.46 16.55
N VAL A 67 -2.20 16.40 16.95
CA VAL A 67 -3.33 16.88 16.17
C VAL A 67 -3.14 18.37 15.94
N LYS A 68 -3.23 18.80 14.68
CA LYS A 68 -3.00 20.19 14.32
C LYS A 68 -4.18 20.70 13.50
N ILE A 69 -4.81 21.77 13.99
CA ILE A 69 -6.01 22.32 13.38
C ILE A 69 -5.68 23.72 12.85
N LYS A 70 -6.15 24.01 11.64
CA LYS A 70 -5.76 25.21 10.93
C LYS A 70 -6.96 25.80 10.21
N CYS A 71 -7.21 27.08 10.44
CA CYS A 71 -8.25 27.81 9.71
C CYS A 71 -7.65 28.49 8.49
N ASP A 72 -8.37 28.42 7.37
CA ASP A 72 -8.04 29.16 6.15
C ASP A 72 -9.28 29.96 5.79
N LYS A 73 -9.41 31.15 6.38
CA LYS A 73 -10.61 31.96 6.20
C LYS A 73 -10.83 32.34 4.75
N GLU A 74 -9.76 32.76 4.06
CA GLU A 74 -9.93 33.38 2.74
C GLU A 74 -10.41 32.36 1.71
N LYS A 75 -10.01 31.10 1.85
CA LYS A 75 -10.46 30.01 1.00
C LYS A 75 -11.55 29.16 1.64
N ASN A 76 -12.09 29.59 2.78
CA ASN A 76 -13.26 28.95 3.39
C ASN A 76 -13.00 27.49 3.72
N LEU A 77 -11.81 27.19 4.26
CA LEU A 77 -11.41 25.83 4.55
C LEU A 77 -11.04 25.69 6.02
N LEU A 78 -11.37 24.54 6.61
CA LEU A 78 -10.92 24.16 7.94
C LEU A 78 -10.18 22.84 7.83
N HIS A 79 -8.99 22.77 8.43
CA HIS A 79 -8.13 21.59 8.34
C HIS A 79 -7.95 20.97 9.72
N VAL A 80 -8.07 19.65 9.79
CA VAL A 80 -7.80 18.88 10.99
C VAL A 80 -6.83 17.77 10.60
N THR A 81 -5.58 17.89 11.03
CA THR A 81 -4.52 16.98 10.65
C THR A 81 -3.98 16.24 11.86
N ASP A 82 -3.97 14.91 11.80
CA ASP A 82 -3.32 14.08 12.81
C ASP A 82 -2.20 13.29 12.16
N THR A 83 -1.27 12.83 12.99
CA THR A 83 -0.16 11.99 12.56
C THR A 83 -0.37 10.54 13.00
N GLY A 84 -1.62 10.07 12.92
CA GLY A 84 -1.96 8.71 13.29
C GLY A 84 -1.55 7.69 12.25
N VAL A 85 -2.27 6.57 12.23
CA VAL A 85 -1.90 5.44 11.39
C VAL A 85 -2.16 5.72 9.90
N GLY A 86 -3.09 6.62 9.59
CA GLY A 86 -3.42 6.89 8.21
C GLY A 86 -4.23 5.77 7.58
N MET A 87 -4.53 5.94 6.29
CA MET A 87 -5.36 5.01 5.55
C MET A 87 -4.78 4.76 4.17
N THR A 88 -4.75 3.49 3.75
CA THR A 88 -4.39 3.16 2.39
C THR A 88 -5.52 3.54 1.44
N ARG A 89 -5.24 3.47 0.14
CA ARG A 89 -6.30 3.73 -0.84
C ARG A 89 -7.49 2.80 -0.61
N GLU A 90 -7.22 1.53 -0.33
CA GLU A 90 -8.30 0.57 -0.13
C GLU A 90 -9.12 0.93 1.11
N GLU A 91 -8.45 1.36 2.19
CA GLU A 91 -9.19 1.68 3.41
C GLU A 91 -9.97 2.98 3.27
N LEU A 92 -9.49 3.92 2.46
CA LEU A 92 -10.28 5.11 2.15
C LEU A 92 -11.61 4.75 1.50
N VAL A 93 -11.56 3.87 0.50
CA VAL A 93 -12.77 3.45 -0.20
C VAL A 93 -13.71 2.69 0.74
N LYS A 94 -13.14 1.86 1.60
CA LYS A 94 -13.89 0.82 2.31
C LYS A 94 -14.48 1.40 3.58
N ASN A 95 -13.64 2.10 4.36
CA ASN A 95 -14.03 2.60 5.67
C ASN A 95 -14.89 3.84 5.57
N LEU A 96 -14.74 4.61 4.49
CA LEU A 96 -15.51 5.83 4.32
C LEU A 96 -16.74 5.65 3.44
N GLY A 97 -16.72 4.67 2.53
CA GLY A 97 -17.87 4.46 1.67
C GLY A 97 -18.74 3.29 2.06
N THR A 98 -18.18 2.34 2.80
CA THR A 98 -18.91 1.16 3.26
C THR A 98 -18.93 1.16 4.78
N ILE A 99 -19.86 0.41 5.37
CA ILE A 99 -19.96 0.24 6.81
C ILE A 99 -20.07 -1.24 7.14
N ALA A 100 -19.85 -1.56 8.42
CA ALA A 100 -19.75 -2.92 8.93
C ALA A 100 -19.61 -2.81 10.46
N LYS A 101 -20.03 -3.83 11.22
CA LYS A 101 -20.61 -5.07 10.71
C LYS A 101 -22.11 -4.93 10.49
N GLY A 103 -22.04 -3.88 14.17
CA GLY A 103 -23.46 -4.08 13.93
C GLY A 103 -24.19 -2.84 13.47
N THR A 104 -24.02 -2.51 12.18
CA THR A 104 -24.71 -1.37 11.60
C THR A 104 -26.22 -1.57 11.59
N SER A 105 -26.68 -2.79 11.31
CA SER A 105 -28.10 -3.01 11.06
C SER A 105 -28.94 -3.02 12.33
N GLU A 106 -28.36 -3.30 13.50
CA GLU A 106 -29.04 -2.95 14.74
C GLU A 106 -29.06 -1.44 14.93
N PHE A 107 -27.98 -0.77 14.51
CA PHE A 107 -27.82 0.67 14.66
C PHE A 107 -28.75 1.41 13.69
N LEU A 108 -29.31 0.69 12.71
CA LEU A 108 -30.41 1.21 11.90
C LEU A 108 -31.57 1.64 12.76
N ASN A 109 -32.08 0.73 13.60
CA ASN A 109 -33.27 1.02 14.39
C ASN A 109 -32.95 1.92 15.58
N LYS A 110 -31.78 1.73 16.20
CA LYS A 110 -31.44 2.47 17.42
C LYS A 110 -31.45 3.98 17.19
N MET A 111 -31.03 4.45 16.01
CA MET A 111 -30.95 5.89 15.81
C MET A 111 -32.31 6.49 15.46
N THR A 112 -33.09 5.81 14.63
CA THR A 112 -34.41 6.31 14.28
C THR A 112 -35.33 6.34 15.49
N GLU A 113 -35.30 5.30 16.31
CA GLU A 113 -36.11 5.23 17.52
C GLU A 113 -35.52 6.06 18.64
N SER A 120 -31.77 11.82 22.92
CA SER A 120 -30.56 12.34 22.29
C SER A 120 -29.83 11.26 21.51
N THR A 121 -29.19 11.66 20.42
CA THR A 121 -28.44 10.76 19.56
C THR A 121 -26.97 11.13 19.45
N SER A 122 -26.51 12.15 20.17
CA SER A 122 -25.11 12.57 20.07
C SER A 122 -24.16 11.49 20.55
N GLU A 123 -24.51 10.81 21.64
CA GLU A 123 -23.65 9.76 22.18
C GLU A 123 -23.60 8.54 21.27
N LEU A 124 -24.70 8.27 20.54
CA LEU A 124 -24.78 7.05 19.74
C LEU A 124 -23.75 7.03 18.62
N ILE A 125 -23.66 8.12 17.86
CA ILE A 125 -22.70 8.17 16.75
C ILE A 125 -21.28 7.98 17.27
N GLY A 126 -20.99 8.52 18.46
CA GLY A 126 -19.67 8.32 19.04
C GLY A 126 -19.41 6.87 19.40
N GLN A 127 -20.39 6.22 20.04
CA GLN A 127 -20.25 4.81 20.40
C GLN A 127 -19.99 3.96 19.16
N PHE A 128 -20.79 4.14 18.12
CA PHE A 128 -20.66 3.32 16.92
C PHE A 128 -19.59 3.84 15.96
N GLY A 129 -18.86 4.89 16.33
CA GLY A 129 -17.72 5.34 15.56
C GLY A 129 -18.04 5.85 14.17
N VAL A 130 -19.20 6.47 13.99
CA VAL A 130 -19.61 7.00 12.70
C VAL A 130 -19.70 8.53 12.73
N GLY A 131 -19.00 9.17 13.67
CA GLY A 131 -19.03 10.61 13.79
C GLY A 131 -18.45 11.36 12.61
N PHE A 132 -17.62 10.68 11.80
CA PHE A 132 -17.02 11.32 10.62
C PHE A 132 -18.07 12.02 9.76
N TYR A 133 -19.22 11.39 9.57
CA TYR A 133 -20.24 11.92 8.67
C TYR A 133 -20.94 13.16 9.23
N SER A 134 -20.73 13.49 10.50
CA SER A 134 -21.25 14.75 11.03
C SER A 134 -20.55 15.96 10.40
N ALA A 135 -19.46 15.75 9.66
CA ALA A 135 -18.81 16.86 8.98
C ALA A 135 -19.71 17.51 7.94
N PHE A 136 -20.65 16.73 7.38
CA PHE A 136 -21.58 17.29 6.39
C PHE A 136 -22.64 18.20 7.02
N LEU A 137 -22.72 18.24 8.36
CA LEU A 137 -23.55 19.25 9.01
C LEU A 137 -23.07 20.66 8.66
N VAL A 138 -21.77 20.84 8.52
CA VAL A 138 -21.18 22.16 8.37
C VAL A 138 -20.46 22.35 7.04
N ALA A 139 -20.27 21.29 6.25
CA ALA A 139 -19.44 21.34 5.05
C ALA A 139 -20.25 20.93 3.83
N ASP A 140 -20.06 21.66 2.73
CA ASP A 140 -20.59 21.25 1.44
C ASP A 140 -19.70 20.20 0.77
N LYS A 141 -18.43 20.15 1.12
CA LYS A 141 -17.49 19.18 0.57
C LYS A 141 -16.55 18.72 1.67
N VAL A 142 -16.26 17.42 1.70
CA VAL A 142 -15.33 16.83 2.65
C VAL A 142 -14.19 16.18 1.88
N ILE A 143 -12.96 16.51 2.26
CA ILE A 143 -11.76 16.01 1.60
C ILE A 143 -10.87 15.36 2.65
N VAL A 144 -10.44 14.13 2.38
CA VAL A 144 -9.61 13.36 3.30
C VAL A 144 -8.31 13.02 2.59
N THR A 145 -7.23 13.66 3.01
CA THR A 145 -5.89 13.36 2.52
C THR A 145 -5.19 12.47 3.55
N SER A 146 -4.77 11.28 3.14
CA SER A 146 -4.24 10.30 4.08
C SER A 146 -3.01 9.62 3.50
N LYS A 147 -2.04 9.34 4.36
CA LYS A 147 -0.83 8.61 3.97
C LYS A 147 -0.59 7.50 4.99
N HIS A 148 -0.66 6.26 4.53
CA HIS A 148 -0.42 5.07 5.36
C HIS A 148 0.95 4.50 5.05
N ASN A 149 1.55 3.84 6.04
CA ASN A 149 2.89 3.29 5.87
C ASN A 149 2.97 2.30 4.71
N ASN A 150 1.87 1.60 4.41
CA ASN A 150 1.85 0.56 3.39
C ASN A 150 1.36 1.07 2.03
N ASP A 151 1.24 2.37 1.84
CA ASP A 151 0.71 2.88 0.58
C ASP A 151 1.21 4.30 0.37
N THR A 152 0.96 4.83 -0.83
CA THR A 152 1.26 6.21 -1.14
C THR A 152 0.12 7.11 -0.69
N GLN A 153 0.37 8.42 -0.71
CA GLN A 153 -0.64 9.37 -0.27
C GLN A 153 -1.78 9.46 -1.29
N HIS A 154 -3.02 9.44 -0.79
CA HIS A 154 -4.19 9.50 -1.65
C HIS A 154 -5.16 10.56 -1.10
N ILE A 155 -6.11 10.95 -1.95
CA ILE A 155 -7.10 11.97 -1.62
C ILE A 155 -8.49 11.39 -1.84
N TRP A 156 -9.34 11.50 -0.82
CA TRP A 156 -10.74 11.12 -0.88
C TRP A 156 -11.57 12.40 -0.80
N GLU A 157 -12.54 12.54 -1.70
CA GLU A 157 -13.35 13.76 -1.75
C GLU A 157 -14.81 13.41 -2.01
N SER A 158 -15.70 14.18 -1.39
CA SER A 158 -17.12 13.87 -1.38
C SER A 158 -17.95 15.13 -1.16
N ASP A 159 -19.03 15.26 -1.92
CA ASP A 159 -20.12 16.17 -1.56
C ASP A 159 -21.33 15.44 -0.99
N SER A 160 -21.17 14.17 -0.61
CA SER A 160 -22.16 13.24 -0.04
C SER A 160 -22.99 12.55 -1.10
N ASN A 161 -22.96 13.01 -2.35
CA ASN A 161 -23.72 12.41 -3.44
C ASN A 161 -22.95 11.30 -4.14
N GLU A 162 -21.67 11.15 -3.82
CA GLU A 162 -20.72 10.21 -4.42
C GLU A 162 -19.38 10.54 -3.77
N PHE A 163 -18.39 9.71 -4.06
CA PHE A 163 -17.03 10.06 -3.67
C PHE A 163 -16.06 9.51 -4.69
N SER A 164 -14.88 10.11 -4.72
CA SER A 164 -13.79 9.68 -5.58
C SER A 164 -12.51 9.63 -4.78
N VAL A 165 -11.63 8.71 -5.16
CA VAL A 165 -10.32 8.54 -4.53
C VAL A 165 -9.27 8.64 -5.62
N ILE A 166 -8.27 9.50 -5.41
CA ILE A 166 -7.20 9.71 -6.36
C ILE A 166 -5.87 9.63 -5.63
N ALA A 167 -4.83 9.22 -6.36
CA ALA A 167 -3.48 9.38 -5.85
C ALA A 167 -3.14 10.86 -5.78
N ASP A 168 -2.44 11.25 -4.71
CA ASP A 168 -2.17 12.67 -4.48
C ASP A 168 -0.99 13.11 -5.35
N PRO A 169 -1.23 13.94 -6.36
CA PRO A 169 -0.12 14.36 -7.23
C PRO A 169 0.98 15.14 -6.52
N ARG A 170 0.72 15.65 -5.32
CA ARG A 170 1.76 16.31 -4.53
C ARG A 170 2.67 15.32 -3.82
N GLY A 171 2.41 14.02 -3.94
CA GLY A 171 3.23 13.04 -3.30
C GLY A 171 3.00 12.95 -1.79
N ASN A 172 4.03 12.49 -1.10
CA ASN A 172 3.98 12.26 0.34
C ASN A 172 4.33 13.56 1.05
N THR A 173 3.31 14.36 1.34
CA THR A 173 3.47 15.58 2.11
C THR A 173 3.14 15.41 3.59
N LEU A 174 2.33 14.40 3.92
CA LEU A 174 1.95 14.19 5.31
C LEU A 174 3.00 13.42 6.09
N GLY A 175 3.78 12.58 5.41
CA GLY A 175 4.70 11.69 6.10
C GLY A 175 3.97 10.46 6.59
N ARG A 176 2.96 10.69 7.43
CA ARG A 176 2.06 9.66 7.93
C ARG A 176 0.87 10.32 8.60
N GLY A 177 -0.34 9.87 8.29
CA GLY A 177 -1.52 10.39 8.96
C GLY A 177 -2.63 10.84 8.03
N THR A 178 -3.45 11.78 8.50
CA THR A 178 -4.70 12.11 7.83
C THR A 178 -5.00 13.60 8.01
N THR A 179 -5.38 14.26 6.92
CA THR A 179 -5.93 15.61 6.97
C THR A 179 -7.39 15.55 6.55
N ILE A 180 -8.27 16.03 7.42
CA ILE A 180 -9.68 16.25 7.08
C ILE A 180 -9.83 17.71 6.70
N THR A 181 -10.30 17.96 5.49
CA THR A 181 -10.49 19.32 4.98
C THR A 181 -11.98 19.54 4.73
N LEU A 182 -12.52 20.59 5.35
CA LEU A 182 -13.95 20.91 5.26
C LEU A 182 -14.12 22.19 4.47
N VAL A 183 -14.83 22.10 3.34
CA VAL A 183 -15.28 23.29 2.61
C VAL A 183 -16.56 23.75 3.30
N LEU A 184 -16.45 24.79 4.13
CA LEU A 184 -17.52 25.13 5.05
C LEU A 184 -18.73 25.69 4.31
N LYS A 185 -19.92 25.33 4.79
CA LYS A 185 -21.16 25.88 4.27
C LYS A 185 -21.20 27.39 4.50
N GLU A 186 -22.08 28.06 3.74
CA GLU A 186 -22.25 29.50 3.89
C GLU A 186 -22.57 29.88 5.33
N GLU A 187 -23.51 29.18 5.96
CA GLU A 187 -23.93 29.53 7.32
C GLU A 187 -23.03 28.93 8.39
N ALA A 188 -21.97 28.21 8.01
CA ALA A 188 -20.98 27.70 8.94
C ALA A 188 -19.71 28.55 8.93
N SER A 189 -19.79 29.78 8.42
CA SER A 189 -18.63 30.65 8.29
C SER A 189 -17.94 30.89 9.62
N ASP A 190 -18.67 30.76 10.74
CA ASP A 190 -18.08 31.13 12.02
C ASP A 190 -17.18 30.04 12.58
N TYR A 191 -17.13 28.87 11.95
CA TYR A 191 -16.10 27.90 12.25
C TYR A 191 -14.79 28.21 11.54
N LEU A 192 -14.70 29.38 10.93
CA LEU A 192 -13.45 29.91 10.40
C LEU A 192 -12.78 30.90 11.32
N GLU A 193 -13.48 31.37 12.36
CA GLU A 193 -12.92 32.38 13.25
C GLU A 193 -12.09 31.70 14.34
N LEU A 194 -10.89 32.24 14.57
CA LEU A 194 -9.95 31.64 15.51
C LEU A 194 -10.57 31.40 16.88
N ASP A 195 -11.17 32.43 17.48
CA ASP A 195 -11.68 32.33 18.84
C ASP A 195 -12.76 31.26 18.96
N THR A 196 -13.56 31.06 17.91
CA THR A 196 -14.56 30.00 17.93
C THR A 196 -13.90 28.63 17.92
N ILE A 197 -12.93 28.44 17.02
CA ILE A 197 -12.24 27.15 16.94
C ILE A 197 -11.46 26.86 18.22
N LYS A 198 -10.71 27.87 18.70
CA LYS A 198 -9.95 27.70 19.94
C LYS A 198 -10.84 27.25 21.10
N ASN A 199 -11.99 27.91 21.27
CA ASN A 199 -12.85 27.58 22.40
C ASN A 199 -13.51 26.22 22.22
N LEU A 200 -13.85 25.86 20.98
CA LEU A 200 -14.39 24.53 20.73
C LEU A 200 -13.33 23.46 20.91
N VAL A 201 -12.13 23.69 20.37
CA VAL A 201 -11.06 22.70 20.50
C VAL A 201 -10.73 22.47 21.97
N LYS A 202 -10.53 23.56 22.72
CA LYS A 202 -10.20 23.44 24.13
C LYS A 202 -11.30 22.70 24.89
N LYS A 203 -12.55 22.87 24.45
CA LYS A 203 -13.68 22.19 25.08
C LYS A 203 -13.64 20.68 24.83
N TYR A 204 -13.46 20.27 23.57
CA TYR A 204 -13.58 18.87 23.19
C TYR A 204 -12.26 18.11 23.25
N SER A 205 -11.15 18.80 23.50
CA SER A 205 -9.83 18.17 23.51
C SER A 205 -9.32 17.95 24.92
N GLN A 206 -10.05 18.40 25.94
CA GLN A 206 -9.52 18.42 27.31
C GLN A 206 -9.05 17.05 27.75
N PHE A 207 -9.72 15.98 27.32
CA PHE A 207 -9.39 14.62 27.76
C PHE A 207 -8.75 13.78 26.64
N ILE A 208 -8.20 14.42 25.62
CA ILE A 208 -7.45 13.72 24.59
C ILE A 208 -6.00 13.57 25.07
N ASN A 209 -5.49 12.34 25.01
CA ASN A 209 -4.16 12.04 25.52
C ASN A 209 -3.06 12.32 24.51
N PHE A 210 -3.30 13.23 23.56
CA PHE A 210 -2.29 13.71 22.63
C PHE A 210 -2.37 15.21 22.53
N PRO A 211 -1.25 15.89 22.29
CA PRO A 211 -1.27 17.35 22.17
C PRO A 211 -2.04 17.77 20.93
N ILE A 212 -2.85 18.82 21.08
CA ILE A 212 -3.66 19.36 19.99
C ILE A 212 -3.39 20.85 19.87
N TYR A 213 -3.01 21.29 18.67
CA TYR A 213 -2.58 22.66 18.43
C TYR A 213 -3.53 23.37 17.49
N VAL A 214 -3.66 24.68 17.69
CA VAL A 214 -4.38 25.56 16.77
C VAL A 214 -3.40 26.59 16.24
N TRP A 215 -3.35 26.72 14.91
CA TRP A 215 -2.55 27.76 14.27
C TRP A 215 -3.17 29.11 14.60
N SER A 216 -2.50 29.89 15.46
CA SER A 216 -3.10 31.05 16.10
C SER A 216 -2.20 32.28 15.94
N SER A 217 -2.71 33.43 16.37
CA SER A 217 -2.08 34.73 16.19
C SER A 217 -1.55 35.29 17.50
N LYS A 218 -0.45 36.04 17.45
CA LYS A 218 0.01 36.73 18.65
C LYS A 218 0.27 38.17 18.28
N THR A 219 0.38 39.02 19.29
CA THR A 219 0.80 40.39 19.06
C THR A 219 2.09 40.67 19.80
N GLY A 223 4.76 44.85 17.70
CA GLY A 223 3.43 45.31 17.32
C GLY A 223 2.82 44.49 16.20
N LYS A 224 3.64 43.73 15.50
CA LYS A 224 3.18 42.92 14.39
C LYS A 224 2.51 41.64 14.88
N THR A 225 1.76 41.01 13.97
CA THR A 225 1.04 39.77 14.25
C THR A 225 1.88 38.60 13.77
N VAL A 226 2.10 37.63 14.66
CA VAL A 226 2.90 36.45 14.36
C VAL A 226 2.03 35.22 14.55
N TRP A 227 2.24 34.22 13.70
CA TRP A 227 1.47 32.99 13.70
C TRP A 227 2.36 31.81 14.10
N ASP A 228 1.80 30.91 14.91
CA ASP A 228 2.50 29.71 15.35
C ASP A 228 1.48 28.76 15.96
N TRP A 229 1.92 27.52 16.18
CA TRP A 229 1.07 26.53 16.83
C TRP A 229 0.87 26.87 18.30
N GLU A 230 -0.39 26.93 18.72
CA GLU A 230 -0.74 27.16 20.11
C GLU A 230 -1.36 25.89 20.68
N LEU A 231 -0.78 25.39 21.76
CA LEU A 231 -1.28 24.17 22.38
C LEU A 231 -2.57 24.45 23.13
N MET A 232 -3.56 23.57 22.95
CA MET A 232 -4.89 23.79 23.50
C MET A 232 -5.26 22.81 24.61
N ASN A 233 -4.44 21.81 24.88
CA ASN A 233 -4.77 20.83 25.91
C ASN A 233 -3.53 20.39 26.69
N GLU B 7 11.35 -21.86 -31.83
CA GLU B 7 11.74 -21.19 -30.60
C GLU B 7 10.51 -20.81 -29.78
N LYS B 8 9.33 -20.88 -30.40
CA LYS B 8 8.09 -20.54 -29.75
C LYS B 8 7.44 -21.77 -29.12
N PHE B 9 6.76 -21.55 -27.99
CA PHE B 9 6.09 -22.62 -27.28
C PHE B 9 4.74 -22.11 -26.76
N ALA B 10 3.82 -23.05 -26.58
CA ALA B 10 2.54 -22.77 -25.95
C ALA B 10 2.57 -23.27 -24.51
N PHE B 11 1.83 -22.56 -23.64
CA PHE B 11 1.72 -23.00 -22.26
C PHE B 11 0.85 -24.24 -22.16
N GLN B 12 1.20 -25.10 -21.21
CA GLN B 12 0.32 -26.21 -20.87
C GLN B 12 -1.02 -25.67 -20.38
N ALA B 13 -2.09 -26.42 -20.68
CA ALA B 13 -3.44 -25.95 -20.36
C ALA B 13 -3.59 -25.64 -18.87
N GLU B 14 -3.03 -26.50 -18.00
CA GLU B 14 -3.13 -26.28 -16.57
C GLU B 14 -2.44 -24.99 -16.14
N VAL B 15 -1.36 -24.62 -16.82
CA VAL B 15 -0.68 -23.36 -16.50
C VAL B 15 -1.55 -22.17 -16.91
N ASN B 16 -2.19 -22.26 -18.08
CA ASN B 16 -3.12 -21.22 -18.50
C ASN B 16 -4.22 -21.00 -17.46
N ARG B 17 -4.88 -22.09 -17.05
CA ARG B 17 -5.91 -21.99 -16.02
C ARG B 17 -5.32 -21.45 -14.74
N MET B 18 -4.09 -21.86 -14.43
CA MET B 18 -3.47 -21.48 -13.17
C MET B 18 -3.12 -20.00 -13.14
N MET B 19 -2.64 -19.46 -14.27
CA MET B 19 -2.37 -18.03 -14.33
C MET B 19 -3.63 -17.22 -14.14
N LYS B 20 -4.75 -17.66 -14.72
CA LYS B 20 -6.00 -16.91 -14.59
C LYS B 20 -6.50 -16.93 -13.14
N LEU B 21 -6.37 -18.07 -12.46
CA LEU B 21 -6.78 -18.14 -11.06
C LEU B 21 -6.00 -17.15 -10.21
N ILE B 22 -4.66 -17.12 -10.34
CA ILE B 22 -3.85 -16.17 -9.59
C ILE B 22 -4.25 -14.74 -9.91
N ILE B 23 -4.39 -14.42 -11.20
CA ILE B 23 -4.75 -13.07 -11.62
C ILE B 23 -6.02 -12.62 -10.88
N ASN B 24 -7.10 -13.38 -11.04
CA ASN B 24 -8.40 -12.94 -10.55
C ASN B 24 -8.53 -13.06 -9.03
N SER B 25 -7.86 -14.03 -8.43
CA SER B 25 -7.97 -14.24 -6.99
C SER B 25 -7.03 -13.37 -6.18
N LEU B 26 -6.02 -12.75 -6.82
CA LEU B 26 -5.07 -11.91 -6.11
C LEU B 26 -4.98 -10.47 -6.60
N TYR B 27 -5.99 -9.95 -7.32
CA TYR B 27 -5.79 -8.62 -7.90
C TYR B 27 -5.89 -7.49 -6.89
N LYS B 28 -6.39 -7.74 -5.67
CA LYS B 28 -6.44 -6.69 -4.66
C LYS B 28 -5.07 -6.47 -4.03
N ASN B 29 -4.29 -7.52 -3.86
CA ASN B 29 -3.00 -7.42 -3.19
C ASN B 29 -1.91 -7.74 -4.20
N LYS B 30 -1.78 -6.86 -5.21
CA LYS B 30 -0.83 -7.11 -6.30
C LYS B 30 0.61 -7.15 -5.80
N GLU B 31 0.92 -6.40 -4.73
CA GLU B 31 2.28 -6.32 -4.22
C GLU B 31 2.85 -7.68 -3.82
N ILE B 32 2.01 -8.71 -3.71
CA ILE B 32 2.50 -10.05 -3.37
C ILE B 32 3.48 -10.57 -4.42
N PHE B 33 3.44 -10.04 -5.64
CA PHE B 33 4.35 -10.49 -6.68
C PHE B 33 5.81 -10.34 -6.25
N LEU B 34 6.14 -9.22 -5.59
CA LEU B 34 7.51 -9.00 -5.15
C LEU B 34 7.92 -9.99 -4.08
N ARG B 35 6.99 -10.35 -3.18
CA ARG B 35 7.30 -11.35 -2.15
C ARG B 35 7.56 -12.71 -2.78
N GLU B 36 6.79 -13.08 -3.80
CA GLU B 36 7.01 -14.38 -4.45
C GLU B 36 8.32 -14.40 -5.22
N LEU B 37 8.66 -13.29 -5.90
CA LEU B 37 9.92 -13.22 -6.62
C LEU B 37 11.11 -13.29 -5.67
N ILE B 38 11.02 -12.59 -4.53
CA ILE B 38 12.06 -12.68 -3.52
C ILE B 38 12.14 -14.09 -2.96
N SER B 39 10.98 -14.72 -2.74
CA SER B 39 10.96 -16.08 -2.20
C SER B 39 11.58 -17.08 -3.18
N ASN B 40 11.27 -16.94 -4.48
CA ASN B 40 11.87 -17.81 -5.48
C ASN B 40 13.37 -17.60 -5.56
N ALA B 41 13.81 -16.34 -5.46
CA ALA B 41 15.25 -16.05 -5.46
C ALA B 41 15.95 -16.74 -4.30
N SER B 42 15.33 -16.73 -3.12
CA SER B 42 15.93 -17.38 -1.96
C SER B 42 16.03 -18.90 -2.16
N ASP B 43 14.99 -19.51 -2.73
CA ASP B 43 15.03 -20.94 -2.97
C ASP B 43 16.09 -21.32 -4.00
N ALA B 44 16.31 -20.45 -4.99
CA ALA B 44 17.37 -20.71 -5.97
C ALA B 44 18.75 -20.60 -5.33
N LEU B 45 18.92 -19.65 -4.41
CA LEU B 45 20.20 -19.54 -3.70
C LEU B 45 20.44 -20.73 -2.78
N ASP B 46 19.38 -21.24 -2.15
CA ASP B 46 19.50 -22.43 -1.33
C ASP B 46 20.01 -23.61 -2.16
N LYS B 47 19.53 -23.76 -3.39
CA LYS B 47 19.89 -24.92 -4.20
C LYS B 47 21.37 -24.92 -4.57
N ILE B 48 21.92 -23.77 -4.97
CA ILE B 48 23.33 -23.74 -5.33
C ILE B 48 24.20 -23.91 -4.10
N ARG B 49 23.72 -23.46 -2.93
CA ARG B 49 24.44 -23.72 -1.69
C ARG B 49 24.42 -25.19 -1.32
N LEU B 50 23.26 -25.86 -1.49
CA LEU B 50 23.21 -27.29 -1.29
C LEU B 50 24.14 -28.00 -2.26
N ILE B 51 24.13 -27.60 -3.53
CA ILE B 51 25.00 -28.22 -4.53
C ILE B 51 26.46 -28.00 -4.19
N SER B 52 26.80 -26.82 -3.63
CA SER B 52 28.19 -26.53 -3.31
C SER B 52 28.72 -27.39 -2.17
N LEU B 53 27.85 -28.05 -1.41
CA LEU B 53 28.32 -28.97 -0.39
C LEU B 53 29.04 -30.16 -1.01
N THR B 54 28.55 -30.65 -2.15
CA THR B 54 29.13 -31.81 -2.82
C THR B 54 29.98 -31.47 -4.04
N ASP B 55 29.82 -30.27 -4.59
CA ASP B 55 30.48 -29.90 -5.85
C ASP B 55 31.40 -28.71 -5.57
N GLU B 56 32.71 -28.97 -5.62
CA GLU B 56 33.70 -27.93 -5.37
C GLU B 56 33.65 -26.79 -6.38
N ASN B 57 33.09 -27.03 -7.58
CA ASN B 57 33.07 -26.05 -8.65
C ASN B 57 31.76 -25.28 -8.72
N ALA B 58 30.85 -25.48 -7.77
CA ALA B 58 29.50 -24.93 -7.90
C ALA B 58 29.50 -23.41 -7.98
N LEU B 59 30.35 -22.75 -7.20
CA LEU B 59 30.38 -21.30 -7.11
C LEU B 59 31.59 -20.70 -7.80
N ALA B 60 31.95 -21.24 -8.96
CA ALA B 60 33.08 -20.71 -9.72
C ALA B 60 32.67 -19.62 -10.70
N GLY B 61 31.47 -19.71 -11.27
CA GLY B 61 31.00 -18.68 -12.19
C GLY B 61 30.62 -17.39 -11.50
N ASN B 62 30.34 -17.43 -10.20
CA ASN B 62 29.94 -16.26 -9.42
C ASN B 62 29.84 -16.65 -7.95
N GLU B 63 30.68 -16.05 -7.11
CA GLU B 63 30.79 -16.49 -5.72
C GLU B 63 29.71 -15.90 -4.83
N GLU B 64 29.25 -14.69 -5.12
CA GLU B 64 28.30 -14.04 -4.22
C GLU B 64 26.96 -14.78 -4.24
N LEU B 65 26.29 -14.75 -3.10
CA LEU B 65 24.96 -15.33 -2.94
C LEU B 65 24.05 -14.19 -2.50
N THR B 66 23.51 -13.44 -3.48
CA THR B 66 22.78 -12.22 -3.20
C THR B 66 21.52 -12.16 -4.05
N VAL B 67 20.63 -11.24 -3.66
CA VAL B 67 19.51 -10.80 -4.47
C VAL B 67 19.64 -9.31 -4.67
N LYS B 68 19.58 -8.86 -5.92
CA LYS B 68 19.76 -7.45 -6.25
C LYS B 68 18.59 -6.97 -7.09
N ILE B 69 17.90 -5.94 -6.61
CA ILE B 69 16.69 -5.42 -7.24
C ILE B 69 16.96 -4.01 -7.75
N LYS B 70 16.50 -3.73 -8.97
CA LYS B 70 16.84 -2.50 -9.67
C LYS B 70 15.64 -1.96 -10.42
N CYS B 71 15.33 -0.69 -10.18
CA CYS B 71 14.29 0.01 -10.94
C CYS B 71 14.90 0.73 -12.13
N ASP B 72 14.23 0.63 -13.27
CA ASP B 72 14.57 1.41 -14.47
C ASP B 72 13.29 2.13 -14.89
N LYS B 73 13.04 3.29 -14.29
CA LYS B 73 11.80 4.01 -14.57
C LYS B 73 11.71 4.44 -16.03
N GLU B 74 12.83 4.88 -16.61
CA GLU B 74 12.80 5.37 -17.98
C GLU B 74 12.37 4.28 -18.96
N LYS B 75 12.74 3.03 -18.71
CA LYS B 75 12.34 1.93 -19.58
C LYS B 75 11.20 1.09 -19.00
N ASN B 76 10.58 1.53 -17.90
CA ASN B 76 9.39 0.87 -17.37
C ASN B 76 9.70 -0.59 -17.01
N LEU B 77 10.86 -0.83 -16.42
CA LEU B 77 11.33 -2.16 -16.11
C LEU B 77 11.65 -2.29 -14.63
N LEU B 78 11.38 -3.47 -14.08
CA LEU B 78 11.81 -3.85 -12.75
C LEU B 78 12.62 -5.14 -12.85
N HIS B 79 13.79 -5.16 -12.22
CA HIS B 79 14.71 -6.29 -12.32
C HIS B 79 14.90 -6.92 -10.95
N VAL B 80 14.83 -8.25 -10.89
CA VAL B 80 15.11 -9.03 -9.68
C VAL B 80 16.15 -10.07 -10.07
N THR B 81 17.39 -9.90 -9.61
CA THR B 81 18.49 -10.76 -9.99
C THR B 81 19.04 -11.48 -8.78
N ASP B 82 19.12 -12.81 -8.87
CA ASP B 82 19.76 -13.62 -7.85
C ASP B 82 20.94 -14.36 -8.45
N THR B 83 21.85 -14.78 -7.59
CA THR B 83 23.02 -15.58 -7.99
C THR B 83 22.85 -17.03 -7.58
N GLY B 84 21.62 -17.55 -7.69
CA GLY B 84 21.31 -18.92 -7.34
C GLY B 84 21.79 -19.90 -8.39
N VAL B 85 21.11 -21.05 -8.44
CA VAL B 85 21.55 -22.15 -9.30
C VAL B 85 21.31 -21.86 -10.77
N GLY B 86 20.35 -20.99 -11.09
CA GLY B 86 20.02 -20.71 -12.47
C GLY B 86 19.27 -21.87 -13.12
N MET B 87 18.99 -21.70 -14.41
CA MET B 87 18.22 -22.67 -15.17
C MET B 87 18.85 -22.88 -16.53
N THR B 88 18.97 -24.14 -16.94
CA THR B 88 19.40 -24.43 -18.29
C THR B 88 18.29 -24.07 -19.27
N ARG B 89 18.63 -24.07 -20.56
CA ARG B 89 17.61 -23.88 -21.58
C ARG B 89 16.51 -24.92 -21.43
N GLU B 90 16.90 -26.16 -21.12
CA GLU B 90 15.91 -27.23 -21.03
C GLU B 90 14.93 -26.96 -19.89
N GLU B 91 15.43 -26.50 -18.73
CA GLU B 91 14.56 -26.28 -17.59
C GLU B 91 13.70 -25.03 -17.75
N LEU B 92 14.18 -24.03 -18.49
CA LEU B 92 13.33 -22.88 -18.81
C LEU B 92 12.07 -23.33 -19.54
N VAL B 93 12.22 -24.23 -20.51
CA VAL B 93 11.06 -24.71 -21.25
C VAL B 93 10.14 -25.52 -20.35
N LYS B 94 10.72 -26.35 -19.48
CA LYS B 94 9.90 -27.31 -18.75
C LYS B 94 9.33 -26.72 -17.47
N ASN B 95 10.16 -26.02 -16.69
CA ASN B 95 9.72 -25.58 -15.38
C ASN B 95 8.80 -24.37 -15.47
N LEU B 96 8.91 -23.57 -16.52
CA LEU B 96 8.11 -22.37 -16.67
C LEU B 96 6.88 -22.57 -17.54
N GLY B 97 6.90 -23.53 -18.46
CA GLY B 97 5.78 -23.77 -19.36
C GLY B 97 4.93 -24.98 -19.00
N THR B 98 5.48 -25.85 -18.16
CA THR B 98 4.83 -27.08 -17.70
C THR B 98 4.58 -26.93 -16.19
N ILE B 99 3.83 -27.87 -15.61
CA ILE B 99 3.42 -27.77 -14.22
C ILE B 99 4.00 -28.96 -13.43
N ALA B 100 3.94 -28.86 -12.11
CA ALA B 100 4.68 -29.71 -11.19
C ALA B 100 4.08 -31.11 -11.03
N LYS B 101 4.69 -31.89 -10.13
CA LYS B 101 4.42 -33.31 -9.93
C LYS B 101 3.04 -33.49 -9.31
N SER B 102 2.09 -33.93 -10.14
CA SER B 102 0.67 -33.99 -9.79
C SER B 102 0.30 -32.80 -8.91
N GLY B 103 -0.62 -33.00 -7.98
CA GLY B 103 -0.95 -31.92 -7.07
C GLY B 103 -1.56 -30.74 -7.80
N THR B 104 -1.39 -30.66 -9.13
CA THR B 104 -1.99 -29.56 -9.86
C THR B 104 -3.51 -29.60 -9.76
N SER B 105 -4.15 -30.74 -10.06
CA SER B 105 -5.60 -30.69 -9.87
C SER B 105 -5.96 -30.79 -8.40
N GLU B 106 -5.05 -31.28 -7.56
CA GLU B 106 -5.26 -31.03 -6.15
C GLU B 106 -5.21 -29.53 -5.85
N PHE B 107 -4.27 -28.83 -6.49
CA PHE B 107 -4.03 -27.41 -6.22
C PHE B 107 -5.10 -26.50 -6.82
N LEU B 108 -5.38 -26.60 -8.12
CA LEU B 108 -6.34 -25.68 -8.74
C LEU B 108 -7.79 -25.96 -8.36
N ASN B 109 -8.08 -27.13 -7.79
CA ASN B 109 -9.38 -27.29 -7.11
C ASN B 109 -9.39 -26.54 -5.79
N LYS B 110 -8.28 -26.61 -5.04
CA LYS B 110 -8.18 -25.86 -3.79
C LYS B 110 -8.28 -24.36 -4.05
N MET B 111 -7.75 -23.91 -5.19
CA MET B 111 -7.68 -22.48 -5.50
C MET B 111 -9.04 -21.95 -5.95
N THR B 112 -9.79 -22.75 -6.73
CA THR B 112 -11.12 -22.32 -7.15
C THR B 112 -12.04 -22.14 -5.95
N GLU B 113 -11.96 -23.05 -4.98
CA GLU B 113 -12.78 -22.97 -3.77
C GLU B 113 -12.26 -21.93 -2.77
N ALA B 114 -11.81 -20.79 -3.26
CA ALA B 114 -11.30 -19.72 -2.40
C ALA B 114 -11.39 -18.37 -3.10
N SER B 120 -8.56 -16.65 1.38
CA SER B 120 -7.34 -16.10 0.78
C SER B 120 -6.53 -17.18 0.09
N THR B 121 -5.86 -16.79 -1.00
CA THR B 121 -5.03 -17.74 -1.74
C THR B 121 -3.55 -17.36 -1.88
N SER B 122 -3.09 -16.19 -1.41
CA SER B 122 -1.66 -15.91 -1.61
C SER B 122 -0.78 -16.81 -0.77
N GLU B 123 -1.33 -17.39 0.31
CA GLU B 123 -0.58 -18.42 1.02
C GLU B 123 -0.54 -19.71 0.23
N LEU B 124 -1.59 -19.99 -0.53
CA LEU B 124 -1.65 -21.21 -1.34
C LEU B 124 -0.57 -21.20 -2.42
N ILE B 125 -0.41 -20.07 -3.11
CA ILE B 125 0.58 -19.99 -4.19
C ILE B 125 1.98 -20.27 -3.67
N GLY B 126 2.28 -19.83 -2.45
CA GLY B 126 3.59 -20.10 -1.87
C GLY B 126 3.82 -21.57 -1.60
N GLN B 127 2.81 -22.23 -1.02
CA GLN B 127 2.93 -23.66 -0.70
C GLN B 127 3.26 -24.49 -1.93
N PHE B 128 2.51 -24.31 -3.02
CA PHE B 128 2.72 -25.10 -4.22
C PHE B 128 3.79 -24.52 -5.14
N GLY B 129 4.45 -23.45 -4.72
CA GLY B 129 5.60 -22.95 -5.46
C GLY B 129 5.32 -22.43 -6.85
N VAL B 130 4.14 -21.84 -7.07
CA VAL B 130 3.77 -21.29 -8.37
C VAL B 130 3.67 -19.77 -8.30
N GLY B 131 4.35 -19.14 -7.34
CA GLY B 131 4.29 -17.70 -7.18
C GLY B 131 4.89 -16.92 -8.34
N PHE B 132 5.73 -17.57 -9.15
CA PHE B 132 6.32 -16.90 -10.32
C PHE B 132 5.26 -16.22 -11.18
N TYR B 133 4.13 -16.90 -11.39
CA TYR B 133 3.10 -16.40 -12.28
C TYR B 133 2.33 -15.21 -11.72
N SER B 134 2.52 -14.87 -10.44
CA SER B 134 1.95 -13.64 -9.91
C SER B 134 2.59 -12.40 -10.53
N ALA B 135 3.68 -12.56 -11.27
CA ALA B 135 4.30 -11.42 -11.94
C ALA B 135 3.38 -10.82 -12.99
N PHE B 136 2.48 -11.63 -13.56
CA PHE B 136 1.54 -11.13 -14.55
C PHE B 136 0.45 -10.27 -13.95
N LEU B 137 0.34 -10.21 -12.61
CA LEU B 137 -0.55 -9.25 -11.97
C LEU B 137 -0.15 -7.83 -12.32
N VAL B 138 1.15 -7.57 -12.43
CA VAL B 138 1.67 -6.22 -12.59
C VAL B 138 2.43 -6.01 -13.88
N ALA B 139 2.69 -7.06 -14.66
CA ALA B 139 3.56 -6.98 -15.83
C ALA B 139 2.81 -7.40 -17.09
N ASP B 140 3.01 -6.64 -18.17
CA ASP B 140 2.53 -7.04 -19.48
C ASP B 140 3.47 -8.03 -20.14
N LYS B 141 4.74 -8.04 -19.75
CA LYS B 141 5.73 -8.95 -20.30
C LYS B 141 6.65 -9.39 -19.18
N VAL B 142 7.00 -10.67 -19.17
CA VAL B 142 7.93 -11.25 -18.20
C VAL B 142 9.10 -11.84 -18.96
N ILE B 143 10.32 -11.48 -18.56
CA ILE B 143 11.53 -11.93 -19.21
C ILE B 143 12.43 -12.58 -18.16
N VAL B 144 12.89 -13.80 -18.44
CA VAL B 144 13.71 -14.57 -17.51
C VAL B 144 15.05 -14.85 -18.19
N THR B 145 16.10 -14.17 -17.74
CA THR B 145 17.46 -14.41 -18.20
C THR B 145 18.15 -15.27 -17.15
N SER B 146 18.64 -16.43 -17.56
CA SER B 146 19.19 -17.40 -16.62
C SER B 146 20.47 -18.01 -17.18
N LYS B 147 21.42 -18.26 -16.28
CA LYS B 147 22.68 -18.91 -16.61
C LYS B 147 22.95 -20.00 -15.60
N HIS B 148 22.96 -21.25 -16.07
CA HIS B 148 23.23 -22.42 -15.25
C HIS B 148 24.64 -22.93 -15.54
N ASN B 149 25.25 -23.56 -14.52
CA ASN B 149 26.62 -24.04 -14.68
C ASN B 149 26.78 -25.01 -15.83
N ASN B 150 25.73 -25.76 -16.16
CA ASN B 150 25.78 -26.79 -17.19
C ASN B 150 25.30 -26.29 -18.57
N ASP B 151 25.12 -24.98 -18.74
CA ASP B 151 24.59 -24.49 -20.00
C ASP B 151 25.01 -23.04 -20.20
N THR B 152 24.74 -22.53 -21.40
CA THR B 152 24.95 -21.13 -21.71
C THR B 152 23.74 -20.30 -21.30
N GLN B 153 23.93 -18.98 -21.31
CA GLN B 153 22.86 -18.06 -20.90
C GLN B 153 21.73 -18.05 -21.92
N HIS B 154 20.50 -18.11 -21.43
CA HIS B 154 19.32 -18.10 -22.28
C HIS B 154 18.31 -17.09 -21.77
N ILE B 155 17.35 -16.76 -22.64
CA ILE B 155 16.30 -15.79 -22.35
C ILE B 155 14.94 -16.43 -22.58
N TRP B 156 14.08 -16.36 -21.57
CA TRP B 156 12.69 -16.80 -21.65
C TRP B 156 11.80 -15.57 -21.61
N GLU B 157 10.85 -15.48 -22.54
CA GLU B 157 10.00 -14.29 -22.61
C GLU B 157 8.55 -14.68 -22.90
N SER B 158 7.63 -13.95 -22.28
CA SER B 158 6.21 -14.30 -22.32
C SER B 158 5.36 -13.06 -22.09
N ASP B 159 4.29 -12.93 -22.86
CA ASP B 159 3.18 -12.05 -22.51
C ASP B 159 1.98 -12.82 -21.97
N SER B 160 2.17 -14.09 -21.62
CA SER B 160 1.21 -15.05 -21.06
C SER B 160 0.42 -15.77 -22.16
N ASN B 161 0.47 -15.31 -23.41
CA ASN B 161 -0.24 -15.95 -24.50
C ASN B 161 0.60 -17.03 -25.16
N GLU B 162 1.89 -17.11 -24.80
CA GLU B 162 2.88 -18.01 -25.37
C GLU B 162 4.21 -17.67 -24.73
N PHE B 163 5.24 -18.47 -24.98
CA PHE B 163 6.57 -18.06 -24.57
C PHE B 163 7.59 -18.60 -25.58
N SER B 164 8.75 -17.96 -25.60
CA SER B 164 9.85 -18.38 -26.44
C SER B 164 11.13 -18.37 -25.64
N VAL B 165 12.04 -19.27 -26.01
CA VAL B 165 13.35 -19.39 -25.38
C VAL B 165 14.40 -19.24 -26.46
N ILE B 166 15.35 -18.34 -26.24
CA ILE B 166 16.44 -18.09 -27.18
C ILE B 166 17.76 -18.09 -26.42
N ALA B 167 18.83 -18.41 -27.12
CA ALA B 167 20.16 -18.19 -26.57
C ALA B 167 20.41 -16.68 -26.42
N ASP B 168 21.09 -16.30 -25.35
CA ASP B 168 21.27 -14.88 -25.08
C ASP B 168 22.41 -14.36 -25.95
N PRO B 169 22.12 -13.50 -26.93
CA PRO B 169 23.20 -12.98 -27.81
C PRO B 169 24.27 -12.19 -27.07
N ARG B 170 24.00 -11.73 -25.85
CA ARG B 170 25.00 -11.06 -25.04
C ARG B 170 25.95 -12.03 -24.36
N GLY B 171 25.77 -13.33 -24.54
CA GLY B 171 26.68 -14.27 -23.90
C GLY B 171 26.42 -14.39 -22.40
N ASN B 172 27.47 -14.78 -21.69
CA ASN B 172 27.40 -15.04 -20.25
C ASN B 172 27.69 -13.73 -19.52
N THR B 173 26.61 -12.97 -19.24
CA THR B 173 26.73 -11.76 -18.44
C THR B 173 26.38 -11.97 -16.97
N LEU B 174 25.63 -13.01 -16.64
CA LEU B 174 25.20 -13.23 -15.26
C LEU B 174 26.27 -13.96 -14.44
N GLY B 175 27.10 -14.77 -15.09
CA GLY B 175 28.03 -15.63 -14.38
C GLY B 175 27.32 -16.87 -13.88
N ARG B 176 26.30 -16.69 -13.06
CA ARG B 176 25.42 -17.76 -12.60
C ARG B 176 24.19 -17.15 -11.95
N GLY B 177 23.01 -17.64 -12.32
CA GLY B 177 21.79 -17.18 -11.68
C GLY B 177 20.71 -16.76 -12.64
N THR B 178 19.82 -15.87 -12.19
CA THR B 178 18.60 -15.57 -12.92
C THR B 178 18.22 -14.10 -12.70
N THR B 179 17.85 -13.42 -13.78
CA THR B 179 17.23 -12.11 -13.72
C THR B 179 15.78 -12.22 -14.18
N ILE B 180 14.86 -11.79 -13.31
CA ILE B 180 13.47 -11.63 -13.69
C ILE B 180 13.25 -10.16 -14.05
N THR B 181 12.81 -9.91 -15.28
CA THR B 181 12.57 -8.56 -15.78
C THR B 181 11.09 -8.40 -16.07
N LEU B 182 10.47 -7.39 -15.47
CA LEU B 182 9.05 -7.14 -15.59
C LEU B 182 8.81 -5.86 -16.39
N VAL B 183 8.13 -5.98 -17.52
CA VAL B 183 7.62 -4.82 -18.24
C VAL B 183 6.31 -4.45 -17.57
N LEU B 184 6.34 -3.43 -16.73
CA LEU B 184 5.23 -3.18 -15.81
C LEU B 184 3.99 -2.70 -16.55
N LYS B 185 2.83 -3.15 -16.08
CA LYS B 185 1.57 -2.66 -16.61
C LYS B 185 1.43 -1.17 -16.37
N GLU B 186 0.51 -0.57 -17.15
CA GLU B 186 0.22 0.85 -17.03
C GLU B 186 -0.14 1.24 -15.59
N GLU B 187 -1.03 0.48 -14.97
CA GLU B 187 -1.49 0.78 -13.62
C GLU B 187 -0.58 0.26 -12.53
N ALA B 188 0.55 -0.38 -12.88
CA ALA B 188 1.56 -0.81 -11.92
C ALA B 188 2.76 0.11 -11.91
N SER B 189 2.60 1.34 -12.42
CA SER B 189 3.71 2.27 -12.58
C SER B 189 4.41 2.60 -11.26
N ASP B 190 3.72 2.53 -10.12
CA ASP B 190 4.32 3.02 -8.89
C ASP B 190 5.26 1.99 -8.25
N TYR B 191 5.38 0.80 -8.84
CA TYR B 191 6.45 -0.11 -8.49
C TYR B 191 7.77 0.25 -9.16
N LEU B 192 7.83 1.42 -9.80
CA LEU B 192 9.08 1.97 -10.30
C LEU B 192 9.70 2.99 -9.35
N GLU B 193 8.98 3.39 -8.31
CA GLU B 193 9.49 4.38 -7.37
C GLU B 193 10.32 3.72 -6.29
N LEU B 194 11.49 4.29 -6.02
CA LEU B 194 12.42 3.71 -5.05
C LEU B 194 11.77 3.49 -3.69
N ASP B 195 11.12 4.52 -3.16
CA ASP B 195 10.60 4.46 -1.79
C ASP B 195 9.55 3.36 -1.65
N THR B 196 8.75 3.12 -2.69
CA THR B 196 7.79 2.02 -2.63
C THR B 196 8.49 0.67 -2.66
N ILE B 197 9.45 0.51 -3.58
CA ILE B 197 10.16 -0.76 -3.71
C ILE B 197 10.95 -1.07 -2.44
N LYS B 198 11.66 -0.08 -1.90
CA LYS B 198 12.41 -0.27 -0.66
C LYS B 198 11.52 -0.80 0.45
N ASN B 199 10.34 -0.22 0.62
CA ASN B 199 9.46 -0.63 1.73
C ASN B 199 8.90 -2.03 1.49
N LEU B 200 8.63 -2.38 0.23
CA LEU B 200 8.15 -3.73 -0.07
C LEU B 200 9.27 -4.75 0.11
N VAL B 201 10.47 -4.46 -0.39
CA VAL B 201 11.58 -5.40 -0.29
C VAL B 201 11.92 -5.67 1.17
N LYS B 202 12.10 -4.61 1.95
CA LYS B 202 12.43 -4.75 3.37
C LYS B 202 11.35 -5.53 4.12
N LYS B 203 10.09 -5.35 3.74
CA LYS B 203 9.00 -6.10 4.39
C LYS B 203 9.12 -7.59 4.07
N TYR B 204 9.36 -7.93 2.81
CA TYR B 204 9.30 -9.31 2.34
C TYR B 204 10.63 -10.04 2.47
N SER B 205 11.69 -9.36 2.91
CA SER B 205 13.03 -9.93 3.01
C SER B 205 13.44 -10.28 4.43
N GLN B 206 12.60 -9.96 5.43
CA GLN B 206 13.03 -10.02 6.82
C GLN B 206 13.53 -11.41 7.22
N PHE B 207 12.93 -12.47 6.67
CA PHE B 207 13.31 -13.83 7.03
C PHE B 207 14.05 -14.54 5.89
N ILE B 208 14.59 -13.80 4.94
CA ILE B 208 15.43 -14.37 3.90
C ILE B 208 16.85 -14.45 4.42
N ASN B 209 17.46 -15.64 4.32
CA ASN B 209 18.80 -15.88 4.84
C ASN B 209 19.90 -15.51 3.86
N PHE B 210 19.62 -14.60 2.93
CA PHE B 210 20.62 -14.07 2.02
C PHE B 210 20.48 -12.57 1.94
N PRO B 211 21.58 -11.84 1.72
CA PRO B 211 21.49 -10.38 1.61
C PRO B 211 20.74 -9.97 0.36
N ILE B 212 19.88 -8.95 0.51
CA ILE B 212 19.06 -8.43 -0.58
C ILE B 212 19.29 -6.93 -0.69
N TYR B 213 19.68 -6.49 -1.88
CA TYR B 213 20.03 -5.10 -2.13
C TYR B 213 19.07 -4.45 -3.11
N VAL B 214 18.85 -3.16 -2.93
CA VAL B 214 18.11 -2.31 -3.87
C VAL B 214 19.05 -1.23 -4.37
N TRP B 215 19.14 -1.10 -5.69
CA TRP B 215 19.92 -0.03 -6.30
C TRP B 215 19.25 1.31 -6.00
N SER B 216 19.87 2.11 -5.14
CA SER B 216 19.23 3.30 -4.59
C SER B 216 20.17 4.50 -4.68
N SER B 217 19.61 5.67 -4.33
CA SER B 217 20.32 6.94 -4.41
C SER B 217 20.67 7.44 -3.02
N LYS B 218 21.82 8.10 -2.92
CA LYS B 218 22.30 8.73 -1.71
C LYS B 218 22.71 10.18 -1.97
N THR B 219 22.83 10.93 -0.88
CA THR B 219 23.29 12.32 -0.94
C THR B 219 24.59 12.50 -0.17
N LYS B 224 25.46 15.83 -3.37
CA LYS B 224 25.55 15.24 -4.70
C LYS B 224 24.77 13.94 -4.77
N THR B 225 24.47 13.48 -5.99
CA THR B 225 23.70 12.26 -6.20
C THR B 225 24.65 11.10 -6.47
N VAL B 226 24.57 10.07 -5.64
CA VAL B 226 25.36 8.85 -5.80
C VAL B 226 24.42 7.65 -5.78
N TRP B 227 24.69 6.66 -6.63
CA TRP B 227 23.90 5.44 -6.70
C TRP B 227 24.77 4.25 -6.31
N ASP B 228 24.19 3.33 -5.52
CA ASP B 228 24.90 2.13 -5.09
C ASP B 228 23.89 1.16 -4.50
N TRP B 229 24.34 -0.07 -4.27
CA TRP B 229 23.51 -1.09 -3.64
C TRP B 229 23.30 -0.77 -2.16
N GLU B 230 22.04 -0.73 -1.73
CA GLU B 230 21.69 -0.50 -0.34
C GLU B 230 21.08 -1.77 0.24
N LEU B 231 21.64 -2.24 1.35
CA LEU B 231 21.17 -3.46 1.99
C LEU B 231 19.83 -3.24 2.67
N MET B 232 18.91 -4.19 2.47
CA MET B 232 17.54 -4.06 2.96
C MET B 232 17.17 -5.03 4.09
N ASN B 233 18.02 -5.99 4.41
CA ASN B 233 17.67 -6.96 5.44
C ASN B 233 18.88 -7.35 6.27
#